data_2Z78
#
_entry.id   2Z78
#
_cell.length_a   48.330
_cell.length_b   116.639
_cell.length_c   129.780
_cell.angle_alpha   90.00
_cell.angle_beta   90.00
_cell.angle_gamma   90.00
#
_symmetry.space_group_name_H-M   'P 21 21 21'
#
loop_
_entity.id
_entity.type
_entity.pdbx_description
1 polymer 'Geranylgeranyl pyrophosphate synthetase'
2 non-polymer 3-(decyloxy)-5-(3,5-difluorophenyl)-1-(2,2-diphosphonoethyl)pyridinium
3 water water
#
_entity_poly.entity_id   1
_entity_poly.type   'polypeptide(L)'
_entity_poly.pdbx_seq_one_letter_code
;MTKNKMEAKIDELINNDPVWSSQNESLISKPYNHILLKPGKNFRLNLIVQINRVMNLPKDQLAIVSQIVELLHNSSLLID
DIEDNAPLRRGQTTSHLIFGVPSTINTANYMYFRAMQLVSQLTTKEPLYHNLITIFNEELINLHRGQGLDIYWRDFLPEI
IPTQEMYLNMVMNKTGGLFRLTLRLMEALSPSSHHGHSLVPFINLLGIIYQIRDDYLNLKDFQMSSEKGFAEDITEGKLS
FPIVHALNFTKTKGQTEQHNEILRILLLRTSDKDIKLKLIQILEFDTNSLAYTKNFINQLVNMIKNDNENKYLPDLASHS
DTATNLHDELLYIIDHLSEL
;
_entity_poly.pdbx_strand_id   A,B
#
# COMPACT_ATOMS: atom_id res chain seq x y z
N ASN A 4 29.97 17.69 -23.37
CA ASN A 4 29.78 18.44 -22.10
C ASN A 4 28.32 18.86 -21.91
N LYS A 5 27.54 18.85 -22.99
CA LYS A 5 26.14 19.26 -22.93
C LYS A 5 25.25 18.23 -22.22
N MET A 6 25.59 16.96 -22.35
CA MET A 6 24.84 15.89 -21.70
C MET A 6 25.23 15.90 -20.23
N GLU A 7 26.53 16.05 -20.00
CA GLU A 7 27.11 16.09 -18.68
C GLU A 7 26.50 17.29 -17.95
N ALA A 8 26.38 18.42 -18.65
CA ALA A 8 25.79 19.63 -18.09
C ALA A 8 24.34 19.37 -17.69
N LYS A 9 23.64 18.66 -18.55
CA LYS A 9 22.27 18.32 -18.36
C LYS A 9 22.11 17.36 -17.18
N ILE A 10 22.95 16.32 -17.13
CA ILE A 10 22.83 15.34 -16.04
C ILE A 10 23.11 16.04 -14.72
N ASP A 11 24.12 16.89 -14.75
CA ASP A 11 24.54 17.65 -13.60
C ASP A 11 23.37 18.41 -12.99
N GLU A 12 22.60 19.09 -13.84
CA GLU A 12 21.44 19.87 -13.39
C GLU A 12 20.34 18.98 -12.79
N LEU A 13 20.08 17.86 -13.47
CA LEU A 13 19.07 16.91 -13.04
C LEU A 13 19.37 16.44 -11.62
N ILE A 14 20.58 15.97 -11.41
CA ILE A 14 20.92 15.46 -10.10
C ILE A 14 21.13 16.47 -8.96
N ASN A 15 21.25 17.76 -9.27
CA ASN A 15 21.41 18.74 -8.19
C ASN A 15 20.14 19.46 -7.81
N ASN A 16 19.03 18.97 -8.32
CA ASN A 16 17.74 19.55 -8.05
C ASN A 16 16.76 18.52 -7.54
N ASP A 17 15.66 18.99 -6.97
CA ASP A 17 14.63 18.09 -6.51
C ASP A 17 14.05 17.38 -7.73
N PRO A 18 13.48 16.20 -7.53
CA PRO A 18 12.91 15.54 -8.70
C PRO A 18 11.76 16.36 -9.30
N VAL A 19 11.72 16.44 -10.62
CA VAL A 19 10.67 17.20 -11.31
C VAL A 19 9.34 16.42 -11.26
N TRP A 20 8.28 17.14 -10.97
CA TRP A 20 6.96 16.58 -10.91
C TRP A 20 5.99 17.72 -11.26
N SER A 21 5.09 17.50 -12.20
CA SER A 21 4.12 18.51 -12.61
C SER A 21 2.71 18.26 -12.10
N SER A 22 1.92 19.33 -12.14
CA SER A 22 0.53 19.24 -11.76
C SER A 22 -0.19 18.37 -12.81
N GLN A 23 0.31 18.33 -14.04
CA GLN A 23 -0.31 17.44 -15.04
C GLN A 23 -0.04 15.96 -14.56
N ASN A 24 1.19 15.68 -14.15
CA ASN A 24 1.59 14.35 -13.64
C ASN A 24 0.67 14.00 -12.48
N GLU A 25 0.52 14.93 -11.55
CA GLU A 25 -0.33 14.71 -10.39
C GLU A 25 -1.74 14.25 -10.78
N SER A 26 -2.39 14.95 -11.72
CA SER A 26 -3.74 14.57 -12.16
C SER A 26 -3.76 13.19 -12.79
N LEU A 27 -2.79 12.86 -13.64
CA LEU A 27 -2.76 11.51 -14.22
C LEU A 27 -2.78 10.38 -13.14
N ILE A 28 -1.97 10.49 -12.10
CA ILE A 28 -1.98 9.43 -11.12
C ILE A 28 -3.13 9.50 -10.11
N SER A 29 -3.93 10.56 -10.17
CA SER A 29 -5.07 10.70 -9.25
C SER A 29 -6.38 10.08 -9.75
N LYS A 30 -6.40 9.61 -10.99
CA LYS A 30 -7.61 9.04 -11.57
C LYS A 30 -8.35 8.01 -10.75
N PRO A 31 -7.64 6.99 -10.22
CA PRO A 31 -8.41 6.00 -9.44
C PRO A 31 -9.03 6.62 -8.17
N TYR A 32 -8.34 7.59 -7.60
CA TYR A 32 -8.80 8.22 -6.36
C TYR A 32 -9.94 9.15 -6.69
N ASN A 33 -9.79 9.97 -7.73
CA ASN A 33 -10.89 10.87 -8.10
C ASN A 33 -12.19 10.11 -8.39
N HIS A 34 -12.08 8.89 -8.92
CA HIS A 34 -13.26 8.12 -9.24
C HIS A 34 -14.05 7.69 -8.01
N ILE A 35 -13.36 7.28 -6.95
CA ILE A 35 -14.12 6.84 -5.78
C ILE A 35 -14.69 8.01 -5.01
N LEU A 36 -14.15 9.22 -5.22
CA LEU A 36 -14.68 10.43 -4.55
C LEU A 36 -16.12 10.73 -4.94
N LEU A 37 -16.46 10.43 -6.18
CA LEU A 37 -17.79 10.66 -6.67
C LEU A 37 -18.87 9.93 -5.87
N LYS A 38 -18.49 8.96 -5.04
CA LYS A 38 -19.48 8.23 -4.26
C LYS A 38 -19.84 8.96 -2.98
N PRO A 39 -21.06 8.79 -2.49
CA PRO A 39 -21.44 9.49 -1.25
C PRO A 39 -20.88 8.81 -0.02
N GLY A 40 -21.05 9.48 1.13
CA GLY A 40 -20.58 8.95 2.40
C GLY A 40 -19.83 10.02 3.18
N LYS A 41 -19.13 10.90 2.45
CA LYS A 41 -18.34 11.98 3.04
C LYS A 41 -19.07 12.73 4.16
N ASN A 42 -20.31 13.13 3.93
CA ASN A 42 -21.04 13.88 4.95
C ASN A 42 -21.42 13.06 6.19
N PHE A 43 -21.66 11.76 6.05
CA PHE A 43 -22.00 10.98 7.23
C PHE A 43 -20.80 10.86 8.14
N ARG A 44 -19.62 10.69 7.57
CA ARG A 44 -18.41 10.59 8.38
C ARG A 44 -18.15 11.96 8.99
N LEU A 45 -18.31 13.02 8.20
CA LEU A 45 -18.12 14.38 8.72
C LEU A 45 -19.10 14.60 9.88
N ASN A 46 -20.35 14.12 9.71
CA ASN A 46 -21.32 14.28 10.79
C ASN A 46 -20.91 13.62 12.12
N LEU A 47 -20.32 12.41 12.07
CA LEU A 47 -19.91 11.76 13.32
C LEU A 47 -18.73 12.53 13.94
N ILE A 48 -17.81 12.97 13.10
CA ILE A 48 -16.68 13.73 13.59
C ILE A 48 -17.19 15.02 14.25
N VAL A 49 -18.13 15.69 13.60
CA VAL A 49 -18.69 16.93 14.14
C VAL A 49 -19.37 16.70 15.50
N GLN A 50 -20.14 15.63 15.61
CA GLN A 50 -20.80 15.35 16.86
C GLN A 50 -19.78 15.05 17.94
N ILE A 51 -18.73 14.31 17.59
CA ILE A 51 -17.71 14.01 18.59
C ILE A 51 -16.95 15.27 18.99
N ASN A 52 -16.84 16.22 18.06
CA ASN A 52 -16.13 17.43 18.40
C ASN A 52 -16.89 18.33 19.41
N ARG A 53 -18.16 18.02 19.67
CA ARG A 53 -18.90 18.82 20.66
C ARG A 53 -18.28 18.56 22.03
N VAL A 54 -17.48 17.50 22.11
CA VAL A 54 -16.82 17.12 23.35
C VAL A 54 -15.37 17.57 23.33
N MET A 55 -14.72 17.34 22.18
CA MET A 55 -13.31 17.67 22.01
C MET A 55 -12.99 19.16 21.74
N ASN A 56 -13.91 19.89 21.12
CA ASN A 56 -13.73 21.32 20.82
C ASN A 56 -12.46 21.68 20.03
N LEU A 57 -12.17 20.97 18.94
CA LEU A 57 -11.02 21.34 18.16
C LEU A 57 -11.55 22.50 17.34
N PRO A 58 -10.68 23.46 17.00
CA PRO A 58 -11.17 24.58 16.20
C PRO A 58 -11.49 24.09 14.78
N LYS A 59 -12.40 24.78 14.11
CA LYS A 59 -12.83 24.46 12.76
C LYS A 59 -11.72 24.09 11.78
N ASP A 60 -10.63 24.87 11.74
CA ASP A 60 -9.54 24.58 10.80
C ASP A 60 -8.85 23.23 11.07
N GLN A 61 -8.57 22.98 12.33
CA GLN A 61 -7.91 21.77 12.74
C GLN A 61 -8.82 20.55 12.45
N LEU A 62 -10.10 20.70 12.72
CA LEU A 62 -11.07 19.64 12.51
C LEU A 62 -11.15 19.35 11.04
N ALA A 63 -11.06 20.37 10.19
CA ALA A 63 -11.11 20.12 8.75
C ALA A 63 -9.93 19.22 8.26
N ILE A 64 -8.74 19.43 8.82
CA ILE A 64 -7.56 18.63 8.46
C ILE A 64 -7.69 17.18 8.98
N VAL A 65 -8.29 17.01 10.17
CA VAL A 65 -8.51 15.66 10.71
C VAL A 65 -9.45 14.95 9.71
N SER A 66 -10.45 15.67 9.27
CA SER A 66 -11.43 15.16 8.33
C SER A 66 -10.81 14.77 6.96
N GLN A 67 -9.86 15.56 6.50
CA GLN A 67 -9.18 15.26 5.26
C GLN A 67 -8.29 14.01 5.41
N ILE A 68 -7.68 13.85 6.59
CA ILE A 68 -6.82 12.71 6.77
C ILE A 68 -7.68 11.47 6.73
N VAL A 69 -8.76 11.51 7.46
CA VAL A 69 -9.68 10.42 7.54
C VAL A 69 -10.23 10.02 6.17
N GLU A 70 -10.57 11.01 5.34
CA GLU A 70 -11.13 10.72 4.03
C GLU A 70 -10.09 10.06 3.10
N LEU A 71 -8.85 10.55 3.14
CA LEU A 71 -7.80 9.94 2.34
C LEU A 71 -7.55 8.50 2.82
N LEU A 72 -7.39 8.28 4.12
CA LEU A 72 -7.17 6.92 4.56
C LEU A 72 -8.31 5.98 4.22
N HIS A 73 -9.54 6.40 4.54
CA HIS A 73 -10.73 5.62 4.28
C HIS A 73 -10.92 5.32 2.81
N ASN A 74 -10.89 6.34 1.96
CA ASN A 74 -11.08 6.07 0.54
C ASN A 74 -9.95 5.18 -0.06
N SER A 75 -8.71 5.37 0.37
CA SER A 75 -7.57 4.57 -0.15
C SER A 75 -7.73 3.12 0.31
N SER A 76 -8.21 2.95 1.54
CA SER A 76 -8.49 1.61 2.09
C SER A 76 -9.50 0.83 1.27
N LEU A 77 -10.54 1.54 0.80
CA LEU A 77 -11.61 0.92 0.03
C LEU A 77 -11.08 0.55 -1.35
N LEU A 78 -10.29 1.44 -1.94
CA LEU A 78 -9.70 1.14 -3.25
C LEU A 78 -8.93 -0.19 -3.14
N ILE A 79 -8.11 -0.33 -2.11
CA ILE A 79 -7.33 -1.56 -1.91
C ILE A 79 -8.20 -2.76 -1.57
N ASP A 80 -9.19 -2.52 -0.71
CA ASP A 80 -10.09 -3.57 -0.26
C ASP A 80 -10.79 -4.20 -1.47
N ASP A 81 -11.27 -3.35 -2.37
CA ASP A 81 -11.96 -3.82 -3.57
C ASP A 81 -11.07 -4.66 -4.48
N ILE A 82 -9.78 -4.32 -4.57
CA ILE A 82 -8.86 -5.14 -5.38
C ILE A 82 -8.68 -6.45 -4.59
N GLU A 83 -8.44 -6.36 -3.28
CA GLU A 83 -8.25 -7.57 -2.46
C GLU A 83 -9.44 -8.56 -2.41
N ASP A 84 -10.64 -8.03 -2.62
CA ASP A 84 -11.87 -8.83 -2.61
C ASP A 84 -12.33 -9.13 -4.03
N ASN A 85 -11.65 -8.60 -5.05
CA ASN A 85 -12.09 -8.80 -6.44
C ASN A 85 -13.52 -8.21 -6.60
N ALA A 86 -13.83 -7.11 -5.91
CA ALA A 86 -15.19 -6.54 -5.94
C ALA A 86 -15.53 -5.78 -7.20
N PRO A 87 -16.62 -6.13 -7.86
CA PRO A 87 -16.93 -5.38 -9.07
C PRO A 87 -17.67 -4.06 -8.89
N LEU A 88 -18.26 -3.82 -7.73
CA LEU A 88 -19.02 -2.59 -7.55
C LEU A 88 -18.85 -2.07 -6.15
N ARG A 89 -19.00 -0.76 -5.99
CA ARG A 89 -18.92 -0.10 -4.69
C ARG A 89 -19.96 1.06 -4.76
N ARG A 90 -20.82 1.21 -3.76
CA ARG A 90 -21.85 2.28 -3.77
C ARG A 90 -22.54 2.32 -5.15
N GLY A 91 -23.00 1.16 -5.60
CA GLY A 91 -23.66 1.09 -6.87
C GLY A 91 -22.81 1.30 -8.11
N GLN A 92 -21.52 1.63 -7.98
CA GLN A 92 -20.79 1.81 -9.22
C GLN A 92 -19.54 0.98 -9.43
N THR A 93 -19.09 0.98 -10.68
CA THR A 93 -17.91 0.27 -11.07
C THR A 93 -16.72 0.67 -10.22
N THR A 94 -16.04 -0.37 -9.79
CA THR A 94 -14.89 -0.29 -8.94
C THR A 94 -13.67 0.28 -9.72
N SER A 95 -12.90 1.18 -9.11
CA SER A 95 -11.75 1.78 -9.83
C SER A 95 -10.79 0.82 -10.48
N HIS A 96 -10.46 -0.30 -9.81
CA HIS A 96 -9.48 -1.18 -10.44
C HIS A 96 -9.98 -1.75 -11.76
N LEU A 97 -11.28 -1.91 -11.92
CA LEU A 97 -11.81 -2.45 -13.18
C LEU A 97 -11.71 -1.41 -14.32
N ILE A 98 -11.58 -0.13 -13.96
CA ILE A 98 -11.50 0.91 -14.99
C ILE A 98 -10.08 1.26 -15.34
N PHE A 99 -9.29 1.65 -14.33
CA PHE A 99 -7.89 2.04 -14.48
C PHE A 99 -6.87 0.91 -14.36
N GLY A 100 -7.31 -0.27 -13.94
CA GLY A 100 -6.40 -1.40 -13.79
C GLY A 100 -5.86 -1.53 -12.36
N VAL A 101 -5.54 -2.76 -11.95
CA VAL A 101 -5.04 -3.00 -10.64
C VAL A 101 -3.76 -2.28 -10.34
N PRO A 102 -2.79 -2.29 -11.27
CA PRO A 102 -1.53 -1.61 -11.00
C PRO A 102 -1.68 -0.12 -10.56
N SER A 103 -2.29 0.71 -11.42
CA SER A 103 -2.51 2.14 -11.06
C SER A 103 -3.30 2.33 -9.74
N THR A 104 -4.31 1.51 -9.53
CA THR A 104 -5.14 1.67 -8.34
C THR A 104 -4.35 1.36 -7.02
N ILE A 105 -3.53 0.29 -7.03
CA ILE A 105 -2.73 -0.01 -5.86
C ILE A 105 -1.78 1.16 -5.60
N ASN A 106 -1.02 1.52 -6.62
CA ASN A 106 -0.08 2.59 -6.46
C ASN A 106 -0.74 3.90 -5.98
N THR A 107 -1.87 4.27 -6.56
CA THR A 107 -2.56 5.49 -6.15
C THR A 107 -3.08 5.43 -4.73
N ALA A 108 -3.71 4.32 -4.35
CA ALA A 108 -4.19 4.22 -2.98
C ALA A 108 -3.01 4.34 -2.00
N ASN A 109 -1.89 3.64 -2.29
CA ASN A 109 -0.69 3.68 -1.44
C ASN A 109 -0.13 5.12 -1.40
N TYR A 110 -0.12 5.79 -2.55
CA TYR A 110 0.32 7.18 -2.63
C TYR A 110 -0.51 8.05 -1.65
N MET A 111 -1.84 7.87 -1.65
CA MET A 111 -2.69 8.67 -0.77
C MET A 111 -2.51 8.38 0.73
N TYR A 112 -1.99 7.20 1.09
CA TYR A 112 -1.71 6.90 2.49
C TYR A 112 -0.62 7.88 2.88
N PHE A 113 0.36 8.07 2.00
CA PHE A 113 1.43 8.99 2.38
C PHE A 113 1.07 10.50 2.35
N ARG A 114 0.11 10.88 1.52
CA ARG A 114 -0.39 12.27 1.50
C ARG A 114 -1.13 12.51 2.81
N ALA A 115 -1.84 11.47 3.28
CA ALA A 115 -2.55 11.60 4.53
C ALA A 115 -1.51 11.81 5.62
N MET A 116 -0.44 11.01 5.57
CA MET A 116 0.62 11.13 6.57
C MET A 116 1.18 12.57 6.61
N GLN A 117 1.37 13.14 5.43
CA GLN A 117 1.94 14.47 5.27
C GLN A 117 1.01 15.49 5.94
N LEU A 118 -0.31 15.33 5.79
CA LEU A 118 -1.23 16.27 6.43
C LEU A 118 -1.08 16.33 7.99
N VAL A 119 -0.60 15.24 8.62
CA VAL A 119 -0.48 15.25 10.07
C VAL A 119 0.37 16.43 10.53
N SER A 120 1.35 16.82 9.71
CA SER A 120 2.23 17.96 9.98
C SER A 120 1.44 19.26 10.10
N GLN A 121 0.35 19.35 9.37
CA GLN A 121 -0.43 20.56 9.39
C GLN A 121 -1.25 20.72 10.67
N LEU A 122 -1.26 19.69 11.52
CA LEU A 122 -2.09 19.84 12.70
C LEU A 122 -1.51 20.69 13.82
N THR A 123 -0.19 20.82 13.87
CA THR A 123 0.49 21.54 14.96
C THR A 123 1.91 21.91 14.62
N THR A 124 2.49 22.78 15.42
CA THR A 124 3.88 23.15 15.25
C THR A 124 4.58 22.70 16.53
N LYS A 125 3.81 22.28 17.53
CA LYS A 125 4.38 21.80 18.80
C LYS A 125 5.06 20.44 18.59
N GLU A 126 6.39 20.41 18.73
CA GLU A 126 7.14 19.16 18.53
C GLU A 126 6.73 17.94 19.33
N PRO A 127 6.40 18.10 20.63
CA PRO A 127 5.98 16.94 21.43
C PRO A 127 4.63 16.38 20.96
N LEU A 128 3.69 17.28 20.63
CA LEU A 128 2.37 16.86 20.19
C LEU A 128 2.49 16.14 18.85
N TYR A 129 3.29 16.70 17.95
CA TYR A 129 3.50 16.12 16.64
C TYR A 129 3.94 14.65 16.73
N HIS A 130 4.96 14.41 17.54
CA HIS A 130 5.48 13.07 17.73
C HIS A 130 4.31 12.15 18.13
N ASN A 131 3.49 12.62 19.06
CA ASN A 131 2.36 11.83 19.48
C ASN A 131 1.34 11.55 18.39
N LEU A 132 1.04 12.56 17.57
CA LEU A 132 0.08 12.41 16.48
C LEU A 132 0.57 11.40 15.43
N ILE A 133 1.83 11.47 15.06
CA ILE A 133 2.35 10.55 14.07
C ILE A 133 2.39 9.12 14.67
N THR A 134 2.55 9.00 15.97
CA THR A 134 2.58 7.67 16.60
C THR A 134 1.21 7.03 16.50
N ILE A 135 0.18 7.85 16.74
CA ILE A 135 -1.20 7.41 16.71
C ILE A 135 -1.52 6.98 15.29
N PHE A 136 -1.05 7.76 14.33
CA PHE A 136 -1.26 7.47 12.91
C PHE A 136 -0.57 6.09 12.63
N ASN A 137 0.71 6.00 12.96
CA ASN A 137 1.49 4.80 12.73
C ASN A 137 0.87 3.52 13.39
N GLU A 138 0.48 3.62 14.65
CA GLU A 138 -0.12 2.51 15.39
C GLU A 138 -1.39 2.00 14.80
N GLU A 139 -2.27 2.92 14.43
CA GLU A 139 -3.52 2.45 13.87
C GLU A 139 -3.38 1.96 12.41
N LEU A 140 -2.49 2.50 11.61
CA LEU A 140 -2.30 1.94 10.25
C LEU A 140 -1.71 0.50 10.43
N ILE A 141 -0.87 0.31 11.45
CA ILE A 141 -0.37 -1.04 11.68
C ILE A 141 -1.56 -1.91 12.13
N ASN A 142 -2.38 -1.45 13.09
CA ASN A 142 -3.51 -2.28 13.51
C ASN A 142 -4.42 -2.67 12.31
N LEU A 143 -4.78 -1.65 11.53
CA LEU A 143 -5.62 -1.79 10.34
C LEU A 143 -5.11 -2.95 9.44
N HIS A 144 -3.84 -2.90 9.07
CA HIS A 144 -3.27 -3.90 8.19
C HIS A 144 -3.23 -5.28 8.88
N ARG A 145 -3.03 -5.33 10.20
CA ARG A 145 -3.02 -6.65 10.86
C ARG A 145 -4.38 -7.34 10.73
N GLY A 146 -5.46 -6.64 11.10
CA GLY A 146 -6.80 -7.22 11.00
C GLY A 146 -7.15 -7.59 9.57
N GLN A 147 -6.84 -6.70 8.65
CA GLN A 147 -7.12 -6.98 7.22
C GLN A 147 -6.32 -8.21 6.75
N GLY A 148 -5.11 -8.35 7.21
CA GLY A 148 -4.26 -9.49 6.84
C GLY A 148 -4.87 -10.81 7.27
N LEU A 149 -5.42 -10.82 8.48
CA LEU A 149 -6.10 -12.01 9.03
C LEU A 149 -7.38 -12.33 8.29
N ASP A 150 -8.19 -11.30 8.03
CA ASP A 150 -9.44 -11.47 7.31
C ASP A 150 -9.18 -12.10 5.95
N ILE A 151 -8.23 -11.52 5.20
CA ILE A 151 -7.85 -12.06 3.88
C ILE A 151 -7.30 -13.52 4.06
N TYR A 152 -6.45 -13.75 5.06
CA TYR A 152 -5.82 -15.08 5.19
C TYR A 152 -6.86 -16.17 5.39
N TRP A 153 -7.77 -15.95 6.33
CA TRP A 153 -8.79 -16.92 6.61
C TRP A 153 -9.59 -17.27 5.38
N ARG A 154 -9.96 -16.21 4.68
CA ARG A 154 -10.77 -16.36 3.49
C ARG A 154 -10.06 -17.09 2.36
N ASP A 155 -8.84 -16.67 2.05
CA ASP A 155 -8.15 -17.26 0.94
C ASP A 155 -7.51 -18.61 1.22
N PHE A 156 -7.39 -18.99 2.48
CA PHE A 156 -6.77 -20.29 2.74
C PHE A 156 -7.76 -21.24 3.38
N LEU A 157 -9.05 -20.82 3.40
CA LEU A 157 -10.07 -21.68 3.99
C LEU A 157 -9.96 -23.06 3.30
N PRO A 158 -10.18 -24.20 4.03
CA PRO A 158 -10.54 -24.37 5.43
C PRO A 158 -9.37 -24.49 6.43
N GLU A 159 -8.17 -24.05 6.07
CA GLU A 159 -7.04 -24.16 6.97
C GLU A 159 -7.33 -23.66 8.39
N ILE A 160 -8.02 -22.51 8.50
CA ILE A 160 -8.35 -21.94 9.79
C ILE A 160 -9.82 -21.59 9.81
N ILE A 161 -10.55 -22.08 10.80
CA ILE A 161 -11.98 -21.76 10.92
C ILE A 161 -11.99 -20.88 12.14
N PRO A 162 -12.16 -19.56 11.95
CA PRO A 162 -12.16 -18.70 13.14
C PRO A 162 -13.34 -18.87 14.06
N THR A 163 -13.12 -18.65 15.36
CA THR A 163 -14.19 -18.67 16.31
C THR A 163 -14.67 -17.23 16.39
N GLN A 164 -15.76 -17.03 17.12
CA GLN A 164 -16.35 -15.71 17.32
C GLN A 164 -15.37 -14.76 18.02
N GLU A 165 -14.61 -15.31 18.96
CA GLU A 165 -13.62 -14.51 19.68
C GLU A 165 -12.52 -14.05 18.67
N MET A 166 -12.08 -14.95 17.80
CA MET A 166 -11.06 -14.58 16.81
C MET A 166 -11.55 -13.46 15.88
N TYR A 167 -12.82 -13.60 15.48
CA TYR A 167 -13.46 -12.66 14.57
C TYR A 167 -13.50 -11.27 15.19
N LEU A 168 -14.01 -11.20 16.43
CA LEU A 168 -14.09 -9.92 17.13
C LEU A 168 -12.70 -9.27 17.31
N ASN A 169 -11.66 -10.07 17.57
CA ASN A 169 -10.30 -9.52 17.68
C ASN A 169 -9.84 -9.03 16.32
N MET A 170 -10.16 -9.78 15.27
CA MET A 170 -9.78 -9.32 13.92
C MET A 170 -10.46 -7.94 13.61
N VAL A 171 -11.73 -7.77 13.98
CA VAL A 171 -12.50 -6.54 13.74
C VAL A 171 -11.96 -5.37 14.57
N MET A 172 -11.57 -5.65 15.80
CA MET A 172 -10.98 -4.61 16.66
C MET A 172 -9.76 -4.00 15.94
N ASN A 173 -9.00 -4.85 15.22
CA ASN A 173 -7.81 -4.39 14.48
C ASN A 173 -8.24 -3.76 13.17
N LYS A 174 -8.90 -4.53 12.31
CA LYS A 174 -9.33 -4.04 11.02
C LYS A 174 -10.29 -2.84 10.92
N THR A 175 -11.39 -2.89 11.65
CA THR A 175 -12.41 -1.87 11.57
C THR A 175 -12.20 -0.81 12.64
N GLY A 176 -11.85 -1.24 13.85
CA GLY A 176 -11.57 -0.30 14.89
C GLY A 176 -10.41 0.66 14.55
N GLY A 177 -9.51 0.22 13.69
CA GLY A 177 -8.36 1.05 13.32
C GLY A 177 -8.69 2.51 12.97
N LEU A 178 -9.51 2.72 11.95
CA LEU A 178 -9.87 4.06 11.52
C LEU A 178 -10.71 4.84 12.55
N PHE A 179 -11.64 4.18 13.21
CA PHE A 179 -12.45 4.81 14.24
C PHE A 179 -11.55 5.34 15.36
N ARG A 180 -10.61 4.50 15.82
CA ARG A 180 -9.68 4.85 16.90
C ARG A 180 -8.66 5.90 16.43
N LEU A 181 -8.18 5.77 15.19
CA LEU A 181 -7.19 6.74 14.70
C LEU A 181 -7.85 8.17 14.78
N THR A 182 -9.07 8.30 14.30
CA THR A 182 -9.75 9.59 14.32
C THR A 182 -10.01 10.13 15.72
N LEU A 183 -10.55 9.27 16.59
CA LEU A 183 -10.84 9.67 17.95
C LEU A 183 -9.55 10.04 18.71
N ARG A 184 -8.54 9.18 18.64
CA ARG A 184 -7.27 9.45 19.26
C ARG A 184 -6.63 10.76 18.78
N LEU A 185 -6.70 11.07 17.49
CA LEU A 185 -6.13 12.36 17.04
C LEU A 185 -6.91 13.50 17.72
N MET A 186 -8.23 13.39 17.72
CA MET A 186 -9.05 14.43 18.32
C MET A 186 -8.78 14.58 19.80
N GLU A 187 -8.60 13.46 20.50
CA GLU A 187 -8.36 13.50 21.94
C GLU A 187 -7.01 14.09 22.25
N ALA A 188 -6.06 13.89 21.34
CA ALA A 188 -4.73 14.47 21.57
C ALA A 188 -4.73 15.96 21.27
N LEU A 189 -5.61 16.42 20.40
CA LEU A 189 -5.57 17.83 20.04
C LEU A 189 -6.51 18.69 20.83
N SER A 190 -7.39 18.05 21.58
CA SER A 190 -8.39 18.75 22.35
C SER A 190 -7.80 19.76 23.33
N PRO A 191 -8.30 21.01 23.27
CA PRO A 191 -7.86 22.09 24.17
C PRO A 191 -8.57 21.91 25.51
N SER A 192 -9.76 21.33 25.46
CA SER A 192 -10.59 21.11 26.65
C SER A 192 -9.92 20.31 27.79
N SER A 193 -9.86 20.90 28.97
CA SER A 193 -9.23 20.26 30.13
C SER A 193 -9.63 18.79 30.25
N HIS A 194 -10.62 18.51 31.10
CA HIS A 194 -11.06 17.13 31.23
C HIS A 194 -12.52 17.06 30.81
N HIS A 195 -12.74 16.48 29.65
CA HIS A 195 -14.08 16.35 29.10
C HIS A 195 -14.61 14.95 29.38
N GLY A 196 -14.27 14.43 30.56
CA GLY A 196 -14.71 13.09 30.96
C GLY A 196 -13.77 12.01 30.47
N HIS A 197 -14.12 10.75 30.75
CA HIS A 197 -13.33 9.59 30.35
C HIS A 197 -13.07 9.56 28.82
N SER A 198 -12.04 8.83 28.41
CA SER A 198 -11.73 8.68 27.00
C SER A 198 -12.95 8.04 26.28
N LEU A 199 -13.15 8.34 25.01
CA LEU A 199 -14.25 7.73 24.28
C LEU A 199 -13.73 6.53 23.46
N VAL A 200 -12.50 6.08 23.70
CA VAL A 200 -12.01 4.98 22.91
C VAL A 200 -12.88 3.73 23.08
N PRO A 201 -13.31 3.43 24.32
CA PRO A 201 -14.13 2.21 24.41
C PRO A 201 -15.40 2.31 23.55
N PHE A 202 -16.02 3.48 23.60
CA PHE A 202 -17.22 3.79 22.83
C PHE A 202 -16.97 3.67 21.33
N ILE A 203 -15.82 4.18 20.87
CA ILE A 203 -15.56 4.12 19.44
C ILE A 203 -15.22 2.68 19.02
N ASN A 204 -14.65 1.86 19.90
CA ASN A 204 -14.37 0.47 19.55
C ASN A 204 -15.74 -0.22 19.38
N LEU A 205 -16.66 0.11 20.28
CA LEU A 205 -17.97 -0.50 20.20
C LEU A 205 -18.71 -0.12 18.92
N LEU A 206 -18.60 1.14 18.49
CA LEU A 206 -19.22 1.55 17.24
C LEU A 206 -18.61 0.72 16.03
N GLY A 207 -17.28 0.56 16.02
CA GLY A 207 -16.64 -0.20 14.96
C GLY A 207 -17.15 -1.64 14.92
N ILE A 208 -17.32 -2.24 16.10
CA ILE A 208 -17.84 -3.62 16.14
C ILE A 208 -19.27 -3.69 15.60
N ILE A 209 -20.12 -2.78 16.07
CA ILE A 209 -21.50 -2.78 15.57
C ILE A 209 -21.47 -2.56 14.03
N TYR A 210 -20.65 -1.63 13.59
CA TYR A 210 -20.55 -1.32 12.17
C TYR A 210 -20.19 -2.56 11.32
N GLN A 211 -19.12 -3.24 11.68
CA GLN A 211 -18.75 -4.40 10.88
C GLN A 211 -19.79 -5.50 10.93
N ILE A 212 -20.30 -5.79 12.13
CA ILE A 212 -21.25 -6.87 12.21
C ILE A 212 -22.53 -6.55 11.46
N ARG A 213 -22.98 -5.30 11.55
CA ARG A 213 -24.19 -4.94 10.84
C ARG A 213 -23.99 -5.05 9.32
N ASP A 214 -22.81 -4.58 8.88
CA ASP A 214 -22.37 -4.63 7.50
C ASP A 214 -22.51 -6.09 7.01
N ASP A 215 -21.86 -7.01 7.72
CA ASP A 215 -21.90 -8.45 7.42
C ASP A 215 -23.35 -8.95 7.34
N TYR A 216 -24.13 -8.58 8.35
CA TYR A 216 -25.52 -9.01 8.45
C TYR A 216 -26.37 -8.50 7.29
N LEU A 217 -26.32 -7.19 7.04
CA LEU A 217 -27.12 -6.63 5.93
C LEU A 217 -26.74 -7.13 4.53
N ASN A 218 -25.47 -7.47 4.33
CA ASN A 218 -25.05 -7.97 3.03
C ASN A 218 -25.87 -9.22 2.64
N LEU A 219 -26.22 -10.04 3.63
CA LEU A 219 -27.03 -11.25 3.42
C LEU A 219 -28.55 -11.02 3.54
N LYS A 220 -28.95 -10.32 4.60
CA LYS A 220 -30.38 -10.04 4.82
C LYS A 220 -31.03 -9.25 3.68
N ASP A 221 -30.32 -8.26 3.13
CA ASP A 221 -30.85 -7.47 2.01
C ASP A 221 -31.08 -8.34 0.79
N PHE A 222 -30.23 -9.34 0.60
CA PHE A 222 -30.36 -10.24 -0.54
C PHE A 222 -31.52 -11.18 -0.24
N GLN A 223 -31.56 -11.68 0.98
CA GLN A 223 -32.64 -12.57 1.32
C GLN A 223 -33.94 -11.80 1.03
N MET A 224 -34.04 -10.57 1.55
CA MET A 224 -35.23 -9.75 1.33
C MET A 224 -35.50 -9.34 -0.11
N SER A 225 -34.46 -8.96 -0.87
CA SER A 225 -34.67 -8.56 -2.27
C SER A 225 -33.42 -8.66 -3.16
N LYS A 228 -32.24 -5.26 -3.89
CA LYS A 228 -31.55 -4.60 -2.74
C LYS A 228 -30.04 -4.78 -2.77
N GLY A 229 -29.60 -6.04 -2.84
CA GLY A 229 -28.18 -6.33 -2.89
C GLY A 229 -27.89 -7.62 -3.65
N PHE A 230 -26.68 -8.15 -3.50
CA PHE A 230 -26.35 -9.40 -4.16
C PHE A 230 -25.55 -10.41 -3.33
N ALA A 231 -25.47 -10.17 -2.02
CA ALA A 231 -24.73 -11.03 -1.09
C ALA A 231 -23.38 -11.31 -1.69
N GLU A 232 -22.72 -10.23 -2.04
CA GLU A 232 -21.41 -10.34 -2.65
C GLU A 232 -20.38 -10.93 -1.67
N ASP A 233 -20.64 -10.84 -0.34
CA ASP A 233 -19.71 -11.46 0.64
C ASP A 233 -19.65 -13.00 0.45
N ILE A 234 -20.69 -13.61 -0.07
CA ILE A 234 -20.66 -15.07 -0.28
C ILE A 234 -19.74 -15.34 -1.45
N THR A 235 -19.90 -14.50 -2.46
CA THR A 235 -19.10 -14.63 -3.68
C THR A 235 -17.64 -14.51 -3.33
N GLU A 236 -17.34 -13.63 -2.38
CA GLU A 236 -15.97 -13.45 -1.97
C GLU A 236 -15.45 -14.52 -1.05
N GLY A 237 -16.34 -15.28 -0.39
CA GLY A 237 -15.90 -16.35 0.51
C GLY A 237 -15.52 -15.91 1.91
N LYS A 238 -15.93 -14.69 2.25
CA LYS A 238 -15.62 -14.05 3.52
C LYS A 238 -16.07 -14.76 4.78
N LEU A 239 -15.24 -14.74 5.80
CA LEU A 239 -15.62 -15.33 7.07
C LEU A 239 -16.33 -14.21 7.85
N SER A 240 -17.55 -13.90 7.44
CA SER A 240 -18.39 -12.86 8.06
C SER A 240 -18.94 -13.34 9.41
N PHE A 241 -19.55 -12.43 10.16
CA PHE A 241 -20.07 -12.82 11.49
C PHE A 241 -21.08 -13.98 11.43
N PRO A 242 -22.05 -13.90 10.53
CA PRO A 242 -23.03 -14.98 10.43
C PRO A 242 -22.36 -16.29 9.95
N ILE A 243 -21.44 -16.21 8.98
CA ILE A 243 -20.77 -17.42 8.48
C ILE A 243 -19.96 -18.05 9.61
N VAL A 244 -19.29 -17.22 10.41
CA VAL A 244 -18.50 -17.73 11.56
C VAL A 244 -19.40 -18.45 12.58
N HIS A 245 -20.54 -17.86 12.88
CA HIS A 245 -21.43 -18.53 13.80
C HIS A 245 -21.92 -19.87 13.20
N ALA A 246 -22.32 -19.87 11.93
CA ALA A 246 -22.81 -21.14 11.30
C ALA A 246 -21.73 -22.24 11.29
N LEU A 247 -20.50 -21.86 10.96
CA LEU A 247 -19.43 -22.86 10.89
C LEU A 247 -19.17 -23.46 12.25
N ASN A 248 -19.19 -22.65 13.31
CA ASN A 248 -18.93 -23.17 14.65
C ASN A 248 -20.16 -23.88 15.21
N PHE A 249 -21.34 -23.37 14.87
CA PHE A 249 -22.59 -24.00 15.29
C PHE A 249 -22.69 -25.44 14.71
N THR A 250 -22.45 -25.57 13.39
CA THR A 250 -22.55 -26.88 12.75
C THR A 250 -21.51 -27.89 13.28
N LYS A 251 -20.34 -27.41 13.65
CA LYS A 251 -19.33 -28.29 14.19
C LYS A 251 -19.72 -28.81 15.58
N THR A 252 -20.07 -27.90 16.47
CA THR A 252 -20.45 -28.28 17.81
C THR A 252 -21.77 -29.05 17.85
N LYS A 253 -22.57 -28.99 16.79
CA LYS A 253 -23.81 -29.76 16.80
C LYS A 253 -23.65 -31.04 16.02
N GLY A 254 -22.48 -31.26 15.43
CA GLY A 254 -22.30 -32.49 14.69
C GLY A 254 -23.01 -32.52 13.35
N GLN A 255 -23.44 -31.36 12.84
CA GLN A 255 -24.10 -31.32 11.51
C GLN A 255 -22.99 -31.34 10.48
N THR A 256 -22.41 -32.53 10.29
CA THR A 256 -21.32 -32.69 9.36
C THR A 256 -21.58 -32.28 7.91
N GLU A 257 -22.70 -32.71 7.36
CA GLU A 257 -22.99 -32.36 5.98
C GLU A 257 -23.16 -30.83 5.78
N GLN A 258 -23.91 -30.18 6.63
CA GLN A 258 -24.14 -28.71 6.55
C GLN A 258 -22.83 -27.94 6.70
N HIS A 259 -21.97 -28.37 7.63
CA HIS A 259 -20.69 -27.70 7.83
C HIS A 259 -19.87 -27.78 6.53
N ASN A 260 -19.77 -28.96 5.96
CA ASN A 260 -19.00 -29.11 4.74
C ASN A 260 -19.62 -28.37 3.53
N GLU A 261 -20.94 -28.27 3.48
CA GLU A 261 -21.64 -27.58 2.38
C GLU A 261 -21.41 -26.04 2.46
N ILE A 262 -21.37 -25.51 3.68
CA ILE A 262 -21.10 -24.07 3.90
C ILE A 262 -19.72 -23.80 3.33
N LEU A 263 -18.77 -24.67 3.64
CA LEU A 263 -17.43 -24.51 3.17
C LEU A 263 -17.35 -24.66 1.64
N ARG A 264 -18.02 -25.69 1.12
CA ARG A 264 -18.01 -25.92 -0.33
C ARG A 264 -18.55 -24.66 -1.09
N ILE A 265 -19.65 -24.10 -0.62
CA ILE A 265 -20.21 -22.94 -1.29
C ILE A 265 -19.30 -21.74 -1.23
N LEU A 266 -18.68 -21.48 -0.07
CA LEU A 266 -17.77 -20.34 0.06
C LEU A 266 -16.61 -20.48 -0.90
N LEU A 267 -16.08 -21.70 -0.98
CA LEU A 267 -14.95 -22.00 -1.84
C LEU A 267 -15.29 -21.96 -3.33
N LEU A 268 -16.57 -21.99 -3.70
CA LEU A 268 -16.91 -21.88 -5.13
C LEU A 268 -16.73 -20.46 -5.69
N ARG A 269 -16.75 -19.45 -4.80
CA ARG A 269 -16.66 -18.02 -5.22
C ARG A 269 -17.72 -17.88 -6.31
N THR A 270 -18.95 -18.21 -6.01
CA THR A 270 -19.94 -18.20 -7.06
C THR A 270 -20.77 -16.94 -7.14
N SER A 271 -21.30 -16.66 -8.33
CA SER A 271 -22.18 -15.53 -8.49
C SER A 271 -23.55 -16.08 -8.76
N ASP A 272 -23.78 -17.42 -8.62
CA ASP A 272 -25.13 -17.97 -8.88
C ASP A 272 -26.08 -17.51 -7.77
N LYS A 273 -27.16 -16.82 -8.12
CA LYS A 273 -28.04 -16.29 -7.08
C LYS A 273 -28.75 -17.38 -6.26
N ASP A 274 -29.08 -18.48 -6.90
CA ASP A 274 -29.76 -19.57 -6.21
C ASP A 274 -28.86 -20.28 -5.26
N ILE A 275 -27.58 -20.42 -5.63
CA ILE A 275 -26.63 -21.08 -4.73
C ILE A 275 -26.39 -20.17 -3.49
N LYS A 276 -26.34 -18.86 -3.71
CA LYS A 276 -26.14 -17.92 -2.58
C LYS A 276 -27.38 -17.91 -1.73
N LEU A 277 -28.54 -18.06 -2.35
CA LEU A 277 -29.79 -18.08 -1.59
C LEU A 277 -29.89 -19.41 -0.75
N LYS A 278 -29.43 -20.53 -1.33
CA LYS A 278 -29.40 -21.81 -0.57
C LYS A 278 -28.59 -21.61 0.77
N LEU A 279 -27.38 -21.11 0.66
CA LEU A 279 -26.57 -20.85 1.84
C LEU A 279 -27.23 -19.88 2.83
N ILE A 280 -27.79 -18.79 2.31
CA ILE A 280 -28.47 -17.85 3.15
C ILE A 280 -29.61 -18.54 3.90
N GLN A 281 -30.35 -19.40 3.22
CA GLN A 281 -31.46 -20.10 3.91
C GLN A 281 -30.96 -21.17 4.87
N ILE A 282 -29.74 -21.68 4.66
CA ILE A 282 -29.16 -22.65 5.63
C ILE A 282 -28.90 -21.81 6.92
N LEU A 283 -28.40 -20.60 6.75
CA LEU A 283 -28.18 -19.79 7.95
C LEU A 283 -29.51 -19.36 8.60
N GLU A 284 -30.60 -19.29 7.82
CA GLU A 284 -31.89 -18.84 8.35
C GLU A 284 -32.62 -19.92 9.14
N PHE A 285 -32.72 -21.09 8.54
CA PHE A 285 -33.46 -22.19 9.13
C PHE A 285 -32.68 -23.30 9.83
N ASP A 286 -31.47 -23.61 9.34
CA ASP A 286 -30.65 -24.70 9.85
C ASP A 286 -29.74 -24.35 11.04
N THR A 287 -28.99 -23.26 10.94
CA THR A 287 -28.10 -22.85 12.02
C THR A 287 -28.57 -21.65 12.85
N ASN A 288 -29.63 -21.00 12.40
CA ASN A 288 -30.17 -19.80 13.05
C ASN A 288 -29.16 -18.65 13.27
N SER A 289 -28.22 -18.58 12.34
CA SER A 289 -27.18 -17.58 12.34
C SER A 289 -27.68 -16.18 12.06
N LEU A 290 -28.71 -16.03 11.23
CA LEU A 290 -29.18 -14.67 10.95
C LEU A 290 -29.83 -14.11 12.23
N ALA A 291 -30.67 -14.90 12.88
CA ALA A 291 -31.33 -14.44 14.12
C ALA A 291 -30.32 -14.21 15.26
N TYR A 292 -29.32 -15.08 15.35
CA TYR A 292 -28.28 -14.93 16.36
C TYR A 292 -27.57 -13.61 16.14
N THR A 293 -27.28 -13.30 14.89
CA THR A 293 -26.56 -12.08 14.56
C THR A 293 -27.39 -10.83 14.84
N LYS A 294 -28.66 -10.88 14.46
CA LYS A 294 -29.53 -9.73 14.68
C LYS A 294 -29.61 -9.42 16.18
N ASN A 295 -29.77 -10.46 16.97
CA ASN A 295 -29.85 -10.32 18.41
C ASN A 295 -28.52 -9.81 19.00
N PHE A 296 -27.40 -10.27 18.43
CA PHE A 296 -26.08 -9.86 18.89
C PHE A 296 -25.94 -8.37 18.65
N ILE A 297 -26.33 -7.93 17.46
CA ILE A 297 -26.26 -6.52 17.15
C ILE A 297 -27.16 -5.73 18.14
N ASN A 298 -28.41 -6.16 18.30
CA ASN A 298 -29.30 -5.44 19.18
C ASN A 298 -28.67 -5.29 20.56
N GLN A 299 -28.07 -6.37 21.05
CA GLN A 299 -27.42 -6.36 22.36
C GLN A 299 -26.29 -5.33 22.44
N LEU A 300 -25.49 -5.24 21.39
CA LEU A 300 -24.40 -4.29 21.34
C LEU A 300 -24.97 -2.84 21.40
N VAL A 301 -26.00 -2.59 20.59
CA VAL A 301 -26.64 -1.29 20.48
C VAL A 301 -27.31 -0.96 21.84
N ASN A 302 -27.88 -1.94 22.51
CA ASN A 302 -28.48 -1.63 23.80
C ASN A 302 -27.43 -1.28 24.87
N MET A 303 -26.20 -1.70 24.68
CA MET A 303 -25.16 -1.41 25.64
C MET A 303 -24.97 0.10 25.70
N ILE A 304 -25.34 0.78 24.63
CA ILE A 304 -25.22 2.23 24.54
C ILE A 304 -26.53 2.92 24.89
N LYS A 305 -27.62 2.31 24.44
CA LYS A 305 -28.96 2.85 24.68
C LYS A 305 -29.34 2.72 26.16
N ASN A 306 -28.71 1.78 26.84
CA ASN A 306 -28.98 1.60 28.26
C ASN A 306 -27.84 2.13 29.12
N ASP A 307 -26.91 2.85 28.51
CA ASP A 307 -25.79 3.40 29.26
C ASP A 307 -26.17 4.68 30.03
N ASN A 308 -27.17 4.55 30.91
CA ASN A 308 -27.68 5.67 31.71
C ASN A 308 -26.63 6.45 32.50
N GLU A 309 -25.68 5.73 33.09
CA GLU A 309 -24.61 6.32 33.89
C GLU A 309 -23.45 6.80 33.02
N ASN A 310 -23.71 6.85 31.71
CA ASN A 310 -22.71 7.30 30.76
C ASN A 310 -21.31 6.73 30.94
N LYS A 311 -21.14 5.42 31.15
CA LYS A 311 -19.77 4.94 31.28
C LYS A 311 -19.12 4.81 29.87
N TYR A 312 -19.96 4.74 28.84
CA TYR A 312 -19.49 4.66 27.45
C TYR A 312 -19.73 6.02 26.77
N LEU A 313 -20.99 6.44 26.71
CA LEU A 313 -21.34 7.72 26.09
C LEU A 313 -20.58 8.80 26.87
N PRO A 314 -20.34 9.98 26.26
CA PRO A 314 -19.62 11.01 27.03
C PRO A 314 -20.31 11.39 28.35
N GLU A 329 -28.34 12.61 19.13
CA GLU A 329 -27.55 12.78 17.88
C GLU A 329 -26.69 11.54 17.68
N LEU A 330 -26.11 11.08 18.77
CA LEU A 330 -25.26 9.91 18.72
C LEU A 330 -26.11 8.66 18.51
N LEU A 331 -27.37 8.72 18.94
CA LEU A 331 -28.27 7.59 18.75
C LEU A 331 -28.60 7.48 17.27
N TYR A 332 -28.80 8.65 16.64
CA TYR A 332 -29.11 8.76 15.22
C TYR A 332 -27.99 8.14 14.38
N ILE A 333 -26.76 8.53 14.70
CA ILE A 333 -25.60 8.02 14.03
C ILE A 333 -25.60 6.50 14.10
N ILE A 334 -25.91 5.94 15.27
CA ILE A 334 -25.92 4.51 15.44
C ILE A 334 -26.89 3.82 14.48
N ASP A 335 -28.04 4.45 14.24
CA ASP A 335 -29.04 3.89 13.31
C ASP A 335 -28.68 4.18 11.86
N HIS A 336 -27.67 4.99 11.62
CA HIS A 336 -27.27 5.27 10.27
C HIS A 336 -25.81 4.88 10.10
N LEU A 337 -25.36 4.01 10.99
CA LEU A 337 -23.99 3.51 10.97
C LEU A 337 -23.65 2.83 9.65
N SER A 338 -24.63 2.17 9.05
CA SER A 338 -24.42 1.51 7.78
C SER A 338 -24.10 2.50 6.68
N GLU A 339 -24.40 3.78 6.92
CA GLU A 339 -24.18 4.85 5.92
C GLU A 339 -22.84 5.61 6.04
N LEU A 340 -21.92 5.13 6.88
CA LEU A 340 -20.63 5.79 7.09
C LEU A 340 -19.60 5.45 6.02
N ASN B 4 -25.88 -10.64 29.77
CA ASN B 4 -25.08 -10.35 31.00
C ASN B 4 -23.64 -10.77 30.82
N LYS B 5 -23.40 -12.01 30.42
CA LYS B 5 -22.01 -12.43 30.22
C LYS B 5 -21.54 -11.99 28.83
N MET B 6 -22.47 -11.89 27.89
CA MET B 6 -22.12 -11.46 26.56
C MET B 6 -21.55 -10.05 26.74
N GLU B 7 -22.32 -9.19 27.39
CA GLU B 7 -21.96 -7.81 27.66
C GLU B 7 -20.66 -7.67 28.44
N ALA B 8 -20.42 -8.57 29.40
CA ALA B 8 -19.21 -8.53 30.19
C ALA B 8 -18.00 -8.73 29.25
N LYS B 9 -18.12 -9.70 28.35
CA LYS B 9 -17.06 -9.98 27.39
C LYS B 9 -16.81 -8.85 26.40
N ILE B 10 -17.87 -8.18 25.97
CA ILE B 10 -17.71 -7.08 25.03
C ILE B 10 -17.00 -5.95 25.78
N ASP B 11 -17.39 -5.73 27.04
CA ASP B 11 -16.75 -4.68 27.85
C ASP B 11 -15.24 -4.89 27.94
N GLU B 12 -14.81 -6.12 28.22
CA GLU B 12 -13.37 -6.39 28.30
C GLU B 12 -12.68 -6.11 26.95
N LEU B 13 -13.33 -6.53 25.88
CA LEU B 13 -12.79 -6.34 24.54
C LEU B 13 -12.56 -4.86 24.19
N ILE B 14 -13.59 -4.05 24.35
CA ILE B 14 -13.46 -2.65 23.97
C ILE B 14 -12.61 -1.82 24.93
N ASN B 15 -12.37 -2.32 26.14
CA ASN B 15 -11.51 -1.58 27.06
C ASN B 15 -10.03 -1.96 26.99
N ASN B 16 -9.67 -2.84 26.08
CA ASN B 16 -8.29 -3.26 25.96
C ASN B 16 -7.78 -2.93 24.58
N ASP B 17 -6.47 -3.00 24.40
CA ASP B 17 -5.90 -2.78 23.08
C ASP B 17 -6.34 -3.99 22.27
N PRO B 18 -6.34 -3.83 20.95
CA PRO B 18 -6.73 -4.96 20.11
C PRO B 18 -5.79 -6.14 20.36
N VAL B 19 -6.35 -7.35 20.38
CA VAL B 19 -5.55 -8.55 20.59
C VAL B 19 -4.81 -8.99 19.30
N TRP B 20 -3.50 -9.20 19.43
CA TRP B 20 -2.65 -9.65 18.31
C TRP B 20 -1.57 -10.58 18.87
N SER B 21 -1.48 -11.80 18.34
CA SER B 21 -0.49 -12.81 18.79
C SER B 21 0.73 -12.90 17.85
N SER B 22 1.77 -13.64 18.26
CA SER B 22 2.95 -13.82 17.42
C SER B 22 2.56 -14.79 16.33
N GLN B 23 1.61 -15.67 16.63
CA GLN B 23 1.11 -16.59 15.62
C GLN B 23 0.39 -15.74 14.52
N ASN B 24 -0.39 -14.74 14.91
CA ASN B 24 -1.02 -13.84 13.90
C ASN B 24 0.10 -13.17 13.10
N GLU B 25 1.08 -12.60 13.79
CA GLU B 25 2.23 -11.95 13.13
C GLU B 25 2.88 -12.87 12.09
N SER B 26 3.01 -14.14 12.46
CA SER B 26 3.60 -15.08 11.53
C SER B 26 2.75 -15.28 10.29
N LEU B 27 1.44 -15.47 10.42
CA LEU B 27 0.63 -15.61 9.21
C LEU B 27 0.78 -14.40 8.27
N ILE B 28 0.73 -13.19 8.82
CA ILE B 28 0.81 -12.00 7.96
C ILE B 28 2.16 -11.75 7.30
N SER B 29 3.19 -12.38 7.85
CA SER B 29 4.55 -12.21 7.36
C SER B 29 5.06 -13.15 6.27
N LYS B 30 4.33 -14.21 6.01
CA LYS B 30 4.73 -15.20 5.00
C LYS B 30 5.11 -14.66 3.59
N PRO B 31 4.32 -13.71 3.02
CA PRO B 31 4.70 -13.20 1.70
C PRO B 31 6.01 -12.49 1.80
N TYR B 32 6.21 -11.81 2.92
CA TYR B 32 7.47 -11.08 3.15
C TYR B 32 8.68 -12.07 3.38
N ASN B 33 8.52 -13.03 4.28
CA ASN B 33 9.61 -13.96 4.54
C ASN B 33 10.05 -14.65 3.27
N HIS B 34 9.11 -14.91 2.35
CA HIS B 34 9.42 -15.56 1.07
C HIS B 34 10.43 -14.79 0.19
N ILE B 35 10.27 -13.47 0.07
CA ILE B 35 11.17 -12.70 -0.77
C ILE B 35 12.54 -12.54 -0.08
N LEU B 36 12.56 -12.73 1.24
CA LEU B 36 13.82 -12.67 1.99
C LEU B 36 14.73 -13.82 1.62
N LEU B 37 14.16 -14.95 1.21
CA LEU B 37 14.97 -16.09 0.85
C LEU B 37 15.87 -15.70 -0.32
N LYS B 38 15.48 -14.62 -1.01
CA LYS B 38 16.17 -14.06 -2.16
C LYS B 38 17.44 -13.34 -1.69
N PRO B 39 18.57 -13.49 -2.42
CA PRO B 39 19.74 -12.76 -1.93
C PRO B 39 19.65 -11.30 -2.43
N GLY B 40 20.57 -10.46 -1.98
CA GLY B 40 20.59 -9.06 -2.37
C GLY B 40 20.93 -8.16 -1.18
N LYS B 41 20.58 -8.62 0.01
CA LYS B 41 20.82 -7.90 1.26
C LYS B 41 22.30 -7.55 1.47
N ASN B 42 23.16 -8.54 1.34
CA ASN B 42 24.59 -8.31 1.53
C ASN B 42 25.11 -7.15 0.67
N PHE B 43 24.68 -7.09 -0.56
CA PHE B 43 25.12 -6.05 -1.45
C PHE B 43 24.68 -4.65 -1.04
N ARG B 44 23.44 -4.55 -0.57
CA ARG B 44 22.87 -3.29 -0.14
C ARG B 44 23.56 -2.82 1.14
N LEU B 45 23.71 -3.75 2.09
CA LEU B 45 24.35 -3.41 3.34
C LEU B 45 25.75 -2.87 3.03
N ASN B 46 26.47 -3.52 2.12
CA ASN B 46 27.79 -3.01 1.77
C ASN B 46 27.77 -1.53 1.32
N LEU B 47 26.87 -1.19 0.40
CA LEU B 47 26.79 0.19 -0.05
C LEU B 47 26.57 1.08 1.19
N ILE B 48 25.68 0.66 2.09
CA ILE B 48 25.43 1.45 3.30
C ILE B 48 26.68 1.54 4.17
N VAL B 49 27.42 0.43 4.32
CA VAL B 49 28.64 0.43 5.13
C VAL B 49 29.68 1.33 4.49
N GLN B 50 29.78 1.29 3.15
CA GLN B 50 30.74 2.13 2.48
C GLN B 50 30.34 3.58 2.67
N ILE B 51 29.07 3.92 2.51
CA ILE B 51 28.71 5.31 2.70
C ILE B 51 28.87 5.75 4.16
N ASN B 52 28.93 4.79 5.08
CA ASN B 52 29.09 5.17 6.47
C ASN B 52 30.52 5.60 6.85
N ARG B 53 31.50 5.35 5.98
CA ARG B 53 32.86 5.76 6.28
C ARG B 53 32.86 7.27 6.25
N VAL B 54 31.90 7.84 5.54
CA VAL B 54 31.82 9.29 5.49
C VAL B 54 30.86 9.84 6.51
N MET B 55 29.79 9.09 6.82
CA MET B 55 28.79 9.57 7.79
C MET B 55 29.14 9.27 9.23
N ASN B 56 29.71 8.10 9.49
CA ASN B 56 30.09 7.70 10.82
C ASN B 56 28.95 7.55 11.83
N LEU B 57 27.85 6.90 11.47
CA LEU B 57 26.76 6.72 12.43
C LEU B 57 27.19 5.59 13.36
N PRO B 58 26.80 5.63 14.64
CA PRO B 58 27.22 4.52 15.50
C PRO B 58 26.64 3.26 14.86
N LYS B 59 27.08 2.07 15.26
CA LYS B 59 26.57 0.92 14.57
C LYS B 59 25.15 0.45 14.85
N ASP B 60 24.64 0.64 16.06
CA ASP B 60 23.26 0.20 16.28
C ASP B 60 22.30 1.10 15.49
N GLN B 61 22.65 2.37 15.35
CA GLN B 61 21.82 3.29 14.61
C GLN B 61 21.86 2.90 13.12
N LEU B 62 23.07 2.58 12.63
CA LEU B 62 23.26 2.16 11.26
C LEU B 62 22.48 0.87 11.00
N ALA B 63 22.42 -0.03 11.99
CA ALA B 63 21.66 -1.28 11.82
C ALA B 63 20.15 -1.02 11.53
N ILE B 64 19.59 -0.03 12.22
CA ILE B 64 18.18 0.35 12.06
C ILE B 64 17.97 0.96 10.64
N VAL B 65 18.85 1.87 10.23
CA VAL B 65 18.74 2.46 8.90
C VAL B 65 18.71 1.28 7.92
N SER B 66 19.61 0.33 8.10
CA SER B 66 19.67 -0.82 7.21
C SER B 66 18.37 -1.65 7.23
N GLN B 67 17.77 -1.79 8.41
CA GLN B 67 16.51 -2.50 8.57
C GLN B 67 15.38 -1.77 7.83
N ILE B 68 15.42 -0.45 7.84
CA ILE B 68 14.39 0.37 7.19
C ILE B 68 14.50 0.16 5.69
N VAL B 69 15.73 0.22 5.16
CA VAL B 69 15.95 0.03 3.75
C VAL B 69 15.47 -1.34 3.30
N GLU B 70 15.79 -2.37 4.06
CA GLU B 70 15.38 -3.70 3.67
C GLU B 70 13.85 -3.83 3.64
N LEU B 71 13.14 -3.30 4.62
CA LEU B 71 11.67 -3.37 4.57
C LEU B 71 11.09 -2.63 3.37
N LEU B 72 11.55 -1.41 3.14
CA LEU B 72 10.95 -0.65 2.05
C LEU B 72 11.28 -1.28 0.70
N HIS B 73 12.55 -1.68 0.54
CA HIS B 73 12.97 -2.25 -0.71
C HIS B 73 12.27 -3.57 -0.93
N ASN B 74 12.30 -4.46 0.04
CA ASN B 74 11.61 -5.72 -0.23
C ASN B 74 10.10 -5.55 -0.47
N SER B 75 9.48 -4.67 0.29
CA SER B 75 8.04 -4.49 0.12
C SER B 75 7.74 -3.88 -1.22
N SER B 76 8.55 -2.91 -1.64
CA SER B 76 8.28 -2.28 -2.92
C SER B 76 8.43 -3.30 -4.06
N LEU B 77 9.32 -4.27 -3.87
CA LEU B 77 9.51 -5.33 -4.89
C LEU B 77 8.29 -6.26 -4.94
N LEU B 78 7.76 -6.62 -3.77
CA LEU B 78 6.55 -7.45 -3.68
C LEU B 78 5.40 -6.78 -4.49
N ILE B 79 5.24 -5.46 -4.30
CA ILE B 79 4.17 -4.72 -4.98
C ILE B 79 4.48 -4.56 -6.48
N ASP B 80 5.74 -4.29 -6.79
CA ASP B 80 6.13 -4.11 -8.19
C ASP B 80 5.78 -5.34 -9.05
N ASP B 81 6.07 -6.54 -8.50
CA ASP B 81 5.77 -7.77 -9.23
C ASP B 81 4.27 -7.99 -9.47
N ILE B 82 3.46 -7.50 -8.56
CA ILE B 82 2.02 -7.59 -8.73
C ILE B 82 1.64 -6.59 -9.85
N GLU B 83 2.18 -5.39 -9.77
CA GLU B 83 1.92 -4.34 -10.76
C GLU B 83 2.42 -4.66 -12.16
N ASP B 84 3.46 -5.49 -12.28
CA ASP B 84 3.99 -5.84 -13.59
C ASP B 84 3.55 -7.27 -13.95
N ASN B 85 2.84 -7.90 -13.03
CA ASN B 85 2.37 -9.27 -13.25
C ASN B 85 3.57 -10.22 -13.53
N ALA B 86 4.68 -10.03 -12.81
CA ALA B 86 5.91 -10.81 -12.98
C ALA B 86 5.83 -12.18 -12.33
N PRO B 87 6.21 -13.22 -13.09
CA PRO B 87 6.15 -14.56 -12.51
C PRO B 87 7.40 -14.93 -11.75
N LEU B 88 8.48 -14.23 -12.05
CA LEU B 88 9.75 -14.55 -11.43
C LEU B 88 10.51 -13.34 -10.90
N ARG B 89 11.30 -13.59 -9.86
CA ARG B 89 12.13 -12.56 -9.24
C ARG B 89 13.38 -13.31 -8.80
N ARG B 90 14.48 -13.08 -9.53
CA ARG B 90 15.75 -13.72 -9.23
C ARG B 90 15.64 -15.24 -9.41
N GLY B 91 15.02 -15.65 -10.50
CA GLY B 91 14.86 -17.07 -10.77
C GLY B 91 13.90 -17.81 -9.88
N GLN B 92 13.29 -17.12 -8.90
CA GLN B 92 12.35 -17.74 -7.95
C GLN B 92 10.89 -17.27 -8.20
N THR B 93 9.91 -18.11 -7.91
CA THR B 93 8.50 -17.76 -8.08
C THR B 93 8.22 -16.54 -7.21
N THR B 94 7.47 -15.57 -7.74
CA THR B 94 7.13 -14.38 -6.96
C THR B 94 6.10 -14.72 -5.88
N SER B 95 6.13 -13.98 -4.78
CA SER B 95 5.21 -14.21 -3.66
C SER B 95 3.75 -14.18 -3.96
N HIS B 96 3.32 -13.24 -4.80
CA HIS B 96 1.87 -13.18 -5.03
C HIS B 96 1.32 -14.44 -5.71
N LEU B 97 2.16 -15.15 -6.48
CA LEU B 97 1.70 -16.36 -7.13
C LEU B 97 1.65 -17.50 -6.08
N ILE B 98 2.26 -17.34 -4.93
CA ILE B 98 2.19 -18.38 -3.91
C ILE B 98 1.18 -18.06 -2.80
N PHE B 99 1.24 -16.84 -2.31
CA PHE B 99 0.37 -16.43 -1.21
C PHE B 99 -0.87 -15.73 -1.67
N GLY B 100 -0.90 -15.41 -2.97
CA GLY B 100 -2.05 -14.76 -3.60
C GLY B 100 -1.86 -13.24 -3.66
N VAL B 101 -2.48 -12.56 -4.63
CA VAL B 101 -2.35 -11.09 -4.72
C VAL B 101 -2.89 -10.40 -3.47
N PRO B 102 -4.09 -10.81 -2.97
CA PRO B 102 -4.56 -10.10 -1.76
C PRO B 102 -3.61 -10.10 -0.55
N SER B 103 -3.13 -11.28 -0.12
CA SER B 103 -2.20 -11.30 1.04
C SER B 103 -0.90 -10.57 0.76
N THR B 104 -0.44 -10.66 -0.47
CA THR B 104 0.85 -10.02 -0.75
C THR B 104 0.71 -8.48 -0.78
N ILE B 105 -0.38 -7.95 -1.29
CA ILE B 105 -0.54 -6.48 -1.20
C ILE B 105 -0.64 -6.05 0.26
N ASN B 106 -1.46 -6.73 1.06
CA ASN B 106 -1.60 -6.25 2.43
C ASN B 106 -0.33 -6.35 3.28
N THR B 107 0.41 -7.44 3.10
CA THR B 107 1.64 -7.62 3.81
C THR B 107 2.70 -6.58 3.41
N ALA B 108 2.86 -6.31 2.11
CA ALA B 108 3.86 -5.31 1.69
C ALA B 108 3.51 -3.91 2.29
N ASN B 109 2.22 -3.55 2.24
CA ASN B 109 1.76 -2.24 2.77
C ASN B 109 1.97 -2.24 4.27
N TYR B 110 1.72 -3.37 4.95
CA TYR B 110 1.94 -3.48 6.39
C TYR B 110 3.41 -3.16 6.71
N MET B 111 4.32 -3.73 5.93
CA MET B 111 5.74 -3.53 6.14
C MET B 111 6.17 -2.06 5.90
N TYR B 112 5.47 -1.33 5.04
CA TYR B 112 5.85 0.08 4.88
C TYR B 112 5.65 0.71 6.26
N PHE B 113 4.56 0.37 6.97
CA PHE B 113 4.32 0.95 8.28
C PHE B 113 5.22 0.43 9.40
N ARG B 114 5.74 -0.80 9.24
CA ARG B 114 6.70 -1.33 10.21
C ARG B 114 7.96 -0.49 10.01
N ALA B 115 8.30 -0.19 8.77
CA ALA B 115 9.46 0.63 8.48
C ALA B 115 9.25 2.03 9.11
N MET B 116 8.09 2.62 8.89
CA MET B 116 7.81 3.95 9.47
C MET B 116 8.09 3.91 11.00
N GLN B 117 7.65 2.85 11.68
CA GLN B 117 7.84 2.72 13.12
C GLN B 117 9.34 2.65 13.51
N LEU B 118 10.17 2.04 12.69
CA LEU B 118 11.57 1.95 13.01
C LEU B 118 12.22 3.34 13.04
N VAL B 119 11.72 4.25 12.19
CA VAL B 119 12.24 5.60 12.15
C VAL B 119 12.20 6.27 13.52
N SER B 120 11.10 6.09 14.28
CA SER B 120 11.04 6.75 15.59
C SER B 120 12.06 6.21 16.56
N GLN B 121 12.74 5.13 16.17
CA GLN B 121 13.77 4.55 17.02
C GLN B 121 15.18 5.01 16.66
N LEU B 122 15.30 5.87 15.66
CA LEU B 122 16.61 6.36 15.25
C LEU B 122 17.12 7.41 16.25
N THR B 123 16.22 8.11 16.92
CA THR B 123 16.60 9.14 17.89
C THR B 123 15.43 9.45 18.82
N THR B 124 15.70 10.17 19.90
CA THR B 124 14.65 10.62 20.76
C THR B 124 14.63 12.13 20.73
N LYS B 125 15.55 12.75 19.99
CA LYS B 125 15.55 14.23 19.89
C LYS B 125 14.35 14.60 19.01
N GLU B 126 13.44 15.41 19.54
CA GLU B 126 12.19 15.76 18.83
C GLU B 126 12.35 16.53 17.55
N PRO B 127 13.25 17.51 17.53
CA PRO B 127 13.43 18.26 16.30
C PRO B 127 13.96 17.32 15.20
N LEU B 128 15.02 16.57 15.51
CA LEU B 128 15.61 15.65 14.58
C LEU B 128 14.63 14.56 14.16
N TYR B 129 13.81 14.09 15.11
CA TYR B 129 12.85 13.04 14.79
C TYR B 129 11.93 13.55 13.72
N HIS B 130 11.48 14.78 13.90
CA HIS B 130 10.59 15.36 12.92
C HIS B 130 11.25 15.40 11.53
N ASN B 131 12.51 15.78 11.50
CA ASN B 131 13.22 15.85 10.23
C ASN B 131 13.30 14.45 9.61
N LEU B 132 13.51 13.44 10.43
CA LEU B 132 13.60 12.08 9.93
C LEU B 132 12.29 11.62 9.29
N ILE B 133 11.17 11.82 9.96
CA ILE B 133 9.88 11.44 9.44
C ILE B 133 9.57 12.22 8.12
N THR B 134 9.95 13.50 8.07
CA THR B 134 9.72 14.33 6.90
C THR B 134 10.50 13.72 5.74
N ILE B 135 11.73 13.31 5.98
CA ILE B 135 12.52 12.67 4.94
C ILE B 135 11.80 11.41 4.42
N PHE B 136 11.43 10.51 5.34
CA PHE B 136 10.76 9.25 5.02
C PHE B 136 9.51 9.55 4.17
N ASN B 137 8.70 10.51 4.65
CA ASN B 137 7.45 10.87 4.00
C ASN B 137 7.69 11.40 2.60
N GLU B 138 8.61 12.36 2.46
CA GLU B 138 8.88 12.97 1.16
C GLU B 138 9.32 11.97 0.10
N GLU B 139 10.24 11.09 0.49
CA GLU B 139 10.76 10.14 -0.44
C GLU B 139 9.75 9.05 -0.74
N LEU B 140 8.89 8.69 0.22
CA LEU B 140 7.86 7.72 -0.09
C LEU B 140 6.89 8.39 -1.07
N ILE B 141 6.63 9.66 -0.89
CA ILE B 141 5.77 10.33 -1.86
C ILE B 141 6.44 10.31 -3.26
N ASN B 142 7.73 10.61 -3.33
CA ASN B 142 8.42 10.67 -4.64
C ASN B 142 8.42 9.33 -5.34
N LEU B 143 8.72 8.30 -4.55
CA LEU B 143 8.73 6.94 -5.01
C LEU B 143 7.41 6.55 -5.69
N HIS B 144 6.29 6.83 -5.01
CA HIS B 144 4.99 6.51 -5.57
C HIS B 144 4.62 7.35 -6.82
N ARG B 145 5.01 8.61 -6.85
CA ARG B 145 4.76 9.44 -8.05
C ARG B 145 5.48 8.81 -9.26
N GLY B 146 6.75 8.54 -9.08
CA GLY B 146 7.52 7.95 -10.14
C GLY B 146 6.97 6.60 -10.59
N GLN B 147 6.60 5.73 -9.62
CA GLN B 147 6.05 4.43 -9.98
C GLN B 147 4.74 4.72 -10.73
N GLY B 148 3.92 5.62 -10.21
CA GLY B 148 2.66 5.91 -10.89
C GLY B 148 2.78 6.36 -12.35
N LEU B 149 3.76 7.22 -12.61
CA LEU B 149 4.01 7.70 -13.99
C LEU B 149 4.49 6.54 -14.85
N ASP B 150 5.43 5.73 -14.34
CA ASP B 150 5.93 4.58 -15.11
C ASP B 150 4.75 3.67 -15.54
N ILE B 151 3.89 3.34 -14.59
CA ILE B 151 2.74 2.48 -14.81
C ILE B 151 1.76 3.18 -15.75
N TYR B 152 1.55 4.49 -15.55
CA TYR B 152 0.59 5.17 -16.41
C TYR B 152 1.04 5.06 -17.85
N TRP B 153 2.31 5.33 -18.11
CA TRP B 153 2.77 5.27 -19.50
C TRP B 153 2.54 3.91 -20.13
N ARG B 154 2.90 2.88 -19.37
CA ARG B 154 2.75 1.53 -19.85
C ARG B 154 1.31 1.13 -20.08
N ASP B 155 0.44 1.42 -19.11
CA ASP B 155 -0.95 1.01 -19.24
C ASP B 155 -1.82 1.87 -20.17
N PHE B 156 -1.40 3.10 -20.48
CA PHE B 156 -2.13 3.96 -21.38
C PHE B 156 -1.49 4.02 -22.78
N LEU B 157 -0.39 3.29 -23.01
CA LEU B 157 0.28 3.29 -24.33
C LEU B 157 -0.80 2.89 -25.34
N PRO B 158 -0.84 3.52 -26.52
CA PRO B 158 0.07 4.58 -26.95
C PRO B 158 -0.44 5.99 -26.81
N GLU B 159 -1.11 6.33 -25.71
CA GLU B 159 -1.57 7.71 -25.58
C GLU B 159 -0.38 8.70 -25.40
N ILE B 160 0.60 8.32 -24.61
CA ILE B 160 1.73 9.18 -24.35
C ILE B 160 3.05 8.48 -24.64
N ILE B 161 3.90 9.08 -25.46
CA ILE B 161 5.20 8.45 -25.68
C ILE B 161 6.16 9.40 -25.02
N PRO B 162 6.77 8.95 -23.92
CA PRO B 162 7.72 9.78 -23.19
C PRO B 162 9.02 10.07 -23.95
N THR B 163 9.60 11.20 -23.62
CA THR B 163 10.86 11.60 -24.19
C THR B 163 11.88 11.12 -23.16
N GLN B 164 13.14 11.22 -23.54
CA GLN B 164 14.27 10.88 -22.70
C GLN B 164 14.25 11.73 -21.42
N GLU B 165 14.02 13.03 -21.57
CA GLU B 165 13.93 13.95 -20.43
C GLU B 165 12.78 13.55 -19.47
N MET B 166 11.64 13.17 -20.03
CA MET B 166 10.52 12.73 -19.19
C MET B 166 10.92 11.42 -18.46
N TYR B 167 11.55 10.51 -19.19
CA TYR B 167 11.94 9.24 -18.61
C TYR B 167 12.87 9.51 -17.47
N LEU B 168 13.78 10.47 -17.64
CA LEU B 168 14.76 10.75 -16.59
C LEU B 168 14.11 11.33 -15.33
N ASN B 169 13.14 12.24 -15.49
CA ASN B 169 12.46 12.79 -14.33
C ASN B 169 11.68 11.69 -13.61
N MET B 170 11.14 10.75 -14.38
CA MET B 170 10.38 9.66 -13.79
C MET B 170 11.34 8.82 -12.91
N VAL B 171 12.54 8.52 -13.45
CA VAL B 171 13.51 7.70 -12.72
C VAL B 171 13.97 8.40 -11.43
N MET B 172 14.21 9.71 -11.53
CA MET B 172 14.63 10.49 -10.40
C MET B 172 13.61 10.30 -9.23
N ASN B 173 12.32 10.23 -9.55
CA ASN B 173 11.28 10.06 -8.53
C ASN B 173 11.26 8.59 -8.06
N LYS B 174 10.95 7.69 -9.01
CA LYS B 174 10.83 6.25 -8.77
C LYS B 174 12.03 5.53 -8.15
N THR B 175 13.17 5.61 -8.82
CA THR B 175 14.38 4.91 -8.43
C THR B 175 15.21 5.72 -7.47
N GLY B 176 15.26 7.03 -7.69
CA GLY B 176 16.05 7.85 -6.80
C GLY B 176 15.49 7.87 -5.38
N GLY B 177 14.17 7.75 -5.26
CA GLY B 177 13.52 7.80 -3.97
C GLY B 177 14.17 7.04 -2.81
N LEU B 178 14.40 5.74 -2.97
CA LEU B 178 14.98 4.94 -1.89
C LEU B 178 16.45 5.27 -1.65
N PHE B 179 17.18 5.53 -2.73
CA PHE B 179 18.61 5.91 -2.60
C PHE B 179 18.70 7.19 -1.79
N ARG B 180 17.86 8.15 -2.15
CA ARG B 180 17.85 9.42 -1.45
C ARG B 180 17.33 9.30 -0.04
N LEU B 181 16.28 8.49 0.15
CA LEU B 181 15.73 8.33 1.48
C LEU B 181 16.83 7.82 2.41
N THR B 182 17.58 6.81 1.98
CA THR B 182 18.64 6.23 2.81
C THR B 182 19.74 7.24 3.12
N LEU B 183 20.18 7.94 2.09
CA LEU B 183 21.24 8.88 2.27
C LEU B 183 20.83 10.08 3.11
N ARG B 184 19.64 10.64 2.88
CA ARG B 184 19.21 11.82 3.63
C ARG B 184 19.06 11.46 5.11
N LEU B 185 18.63 10.25 5.41
CA LEU B 185 18.54 9.84 6.80
C LEU B 185 19.96 9.80 7.40
N MET B 186 20.88 9.18 6.66
CA MET B 186 22.26 9.06 7.16
C MET B 186 22.95 10.41 7.33
N GLU B 187 22.71 11.34 6.40
CA GLU B 187 23.29 12.68 6.53
C GLU B 187 22.67 13.45 7.68
N ALA B 188 21.36 13.29 7.91
CA ALA B 188 20.71 13.99 9.03
C ALA B 188 21.22 13.51 10.41
N LEU B 189 21.62 12.24 10.48
CA LEU B 189 22.09 11.64 11.72
C LEU B 189 23.60 11.70 11.96
N SER B 190 24.37 11.99 10.90
CA SER B 190 25.80 12.00 11.05
C SER B 190 26.32 12.85 12.20
N PRO B 191 27.16 12.27 13.05
CA PRO B 191 27.67 13.08 14.15
C PRO B 191 28.89 13.82 13.60
N SER B 192 29.16 13.71 12.30
CA SER B 192 30.33 14.38 11.69
C SER B 192 30.06 15.75 11.07
N SER B 193 31.13 16.52 10.83
CA SER B 193 31.06 17.88 10.26
C SER B 193 30.59 17.97 8.80
N HIS B 197 30.48 18.14 1.66
CA HIS B 197 29.30 18.46 0.80
C HIS B 197 28.37 17.24 0.72
N SER B 198 27.08 17.51 0.62
CA SER B 198 26.07 16.46 0.56
C SER B 198 26.34 15.47 -0.55
N LEU B 199 25.97 14.21 -0.31
CA LEU B 199 26.16 13.16 -1.30
C LEU B 199 24.91 12.86 -2.14
N VAL B 200 23.85 13.65 -1.96
CA VAL B 200 22.61 13.45 -2.71
C VAL B 200 22.79 13.44 -4.23
N PRO B 201 23.56 14.41 -4.79
CA PRO B 201 23.75 14.39 -6.25
C PRO B 201 24.35 13.05 -6.69
N PHE B 202 25.35 12.60 -5.97
CA PHE B 202 26.00 11.32 -6.27
C PHE B 202 24.98 10.15 -6.17
N ILE B 203 24.17 10.13 -5.11
CA ILE B 203 23.25 9.02 -4.93
C ILE B 203 22.16 9.05 -6.03
N ASN B 204 21.82 10.26 -6.50
CA ASN B 204 20.84 10.43 -7.59
C ASN B 204 21.43 9.83 -8.86
N LEU B 205 22.70 10.07 -9.07
CA LEU B 205 23.41 9.56 -10.24
C LEU B 205 23.48 8.04 -10.13
N LEU B 206 23.74 7.53 -8.94
CA LEU B 206 23.74 6.08 -8.79
C LEU B 206 22.33 5.54 -9.16
N GLY B 207 21.29 6.26 -8.72
CA GLY B 207 19.92 5.84 -9.02
C GLY B 207 19.67 5.73 -10.52
N ILE B 208 20.05 6.77 -11.29
CA ILE B 208 19.89 6.78 -12.75
C ILE B 208 20.70 5.69 -13.45
N ILE B 209 21.96 5.52 -13.06
CA ILE B 209 22.78 4.46 -13.65
C ILE B 209 22.08 3.13 -13.36
N TYR B 210 21.68 2.98 -12.11
CA TYR B 210 20.99 1.75 -11.71
C TYR B 210 19.83 1.34 -12.62
N GLN B 211 18.91 2.29 -12.86
CA GLN B 211 17.74 1.96 -13.63
C GLN B 211 18.02 1.78 -15.12
N ILE B 212 18.85 2.64 -15.69
CA ILE B 212 19.14 2.48 -17.13
C ILE B 212 19.87 1.16 -17.33
N ARG B 213 20.79 0.80 -16.45
CA ARG B 213 21.50 -0.47 -16.63
C ARG B 213 20.55 -1.66 -16.42
N ASP B 214 19.63 -1.53 -15.48
CA ASP B 214 18.61 -2.53 -15.27
C ASP B 214 17.81 -2.72 -16.58
N ASP B 215 17.34 -1.61 -17.15
CA ASP B 215 16.57 -1.62 -18.38
C ASP B 215 17.45 -2.24 -19.50
N TYR B 216 18.70 -1.82 -19.60
CA TYR B 216 19.60 -2.34 -20.63
C TYR B 216 19.83 -3.87 -20.52
N LEU B 217 20.11 -4.37 -19.34
CA LEU B 217 20.42 -5.80 -19.19
C LEU B 217 19.25 -6.70 -19.45
N ASN B 218 18.04 -6.18 -19.21
CA ASN B 218 16.82 -6.97 -19.43
C ASN B 218 16.72 -7.40 -20.92
N LEU B 219 17.08 -6.49 -21.82
CA LEU B 219 17.07 -6.77 -23.27
C LEU B 219 18.41 -7.41 -23.74
N LYS B 220 19.52 -6.94 -23.19
CA LYS B 220 20.82 -7.43 -23.58
C LYS B 220 21.06 -8.86 -23.11
N ASP B 221 20.49 -9.27 -21.97
CA ASP B 221 20.64 -10.64 -21.46
C ASP B 221 19.88 -11.62 -22.39
N PHE B 222 18.78 -11.14 -22.95
CA PHE B 222 17.96 -11.93 -23.86
C PHE B 222 18.60 -11.97 -25.26
N GLN B 223 19.20 -10.85 -25.69
CA GLN B 223 19.84 -10.78 -27.00
C GLN B 223 20.96 -11.83 -27.05
N MET B 224 21.65 -12.00 -25.93
CA MET B 224 22.74 -12.97 -25.81
C MET B 224 22.33 -14.36 -25.30
N SER B 225 21.03 -14.59 -25.14
CA SER B 225 20.51 -15.89 -24.69
C SER B 225 19.01 -15.86 -24.36
N GLY B 229 18.16 -14.79 -19.70
CA GLY B 229 17.26 -13.60 -19.79
C GLY B 229 16.03 -13.89 -20.65
N PHE B 230 14.86 -13.47 -20.17
CA PHE B 230 13.60 -13.67 -20.85
C PHE B 230 13.08 -12.33 -21.46
N ALA B 231 13.77 -11.22 -21.21
CA ALA B 231 13.34 -9.92 -21.71
C ALA B 231 11.90 -9.64 -21.25
N GLU B 232 11.59 -9.90 -19.98
CA GLU B 232 10.24 -9.66 -19.45
C GLU B 232 9.74 -8.22 -19.66
N ASP B 233 10.64 -7.24 -19.72
CA ASP B 233 10.19 -5.86 -19.95
C ASP B 233 9.38 -5.71 -21.23
N ILE B 234 9.64 -6.55 -22.23
CA ILE B 234 8.89 -6.48 -23.51
C ILE B 234 7.49 -7.00 -23.26
N THR B 235 7.39 -8.13 -22.58
CA THR B 235 6.12 -8.74 -22.27
C THR B 235 5.23 -7.80 -21.46
N GLU B 236 5.82 -7.06 -20.54
CA GLU B 236 5.11 -6.12 -19.67
C GLU B 236 4.71 -4.86 -20.43
N GLY B 237 5.40 -4.61 -21.55
CA GLY B 237 5.11 -3.42 -22.36
C GLY B 237 5.74 -2.15 -21.80
N LYS B 238 6.78 -2.28 -20.98
CA LYS B 238 7.47 -1.15 -20.31
C LYS B 238 8.13 -0.08 -21.20
N LEU B 239 7.99 1.20 -20.84
CA LEU B 239 8.65 2.27 -21.60
C LEU B 239 10.08 2.35 -21.03
N SER B 240 10.89 1.33 -21.27
CA SER B 240 12.27 1.29 -20.76
C SER B 240 13.17 2.26 -21.54
N PHE B 241 14.33 2.63 -20.98
CA PHE B 241 15.25 3.56 -21.64
C PHE B 241 15.53 3.21 -23.12
N PRO B 242 15.85 1.94 -23.45
CA PRO B 242 16.12 1.63 -24.86
C PRO B 242 14.89 1.78 -25.79
N ILE B 243 13.72 1.47 -25.23
CA ILE B 243 12.44 1.58 -25.99
C ILE B 243 12.07 3.10 -26.19
N VAL B 244 12.34 3.93 -25.19
CA VAL B 244 12.06 5.37 -25.29
C VAL B 244 12.95 5.90 -26.39
N HIS B 245 14.23 5.53 -26.34
CA HIS B 245 15.11 5.93 -27.41
C HIS B 245 14.58 5.44 -28.78
N ALA B 246 14.22 4.16 -28.91
CA ALA B 246 13.76 3.63 -30.19
C ALA B 246 12.51 4.31 -30.76
N LEU B 247 11.53 4.55 -29.90
CA LEU B 247 10.28 5.19 -30.30
C LEU B 247 10.51 6.61 -30.77
N ASN B 248 11.36 7.33 -30.07
CA ASN B 248 11.66 8.72 -30.47
C ASN B 248 12.61 8.78 -31.69
N PHE B 249 13.51 7.82 -31.84
CA PHE B 249 14.41 7.82 -33.00
C PHE B 249 13.52 7.55 -34.23
N THR B 250 12.70 6.49 -34.18
CA THR B 250 11.85 6.18 -35.32
C THR B 250 10.93 7.36 -35.65
N LYS B 251 10.37 8.00 -34.63
CA LYS B 251 9.48 9.14 -34.89
C LYS B 251 10.23 10.24 -35.66
N THR B 252 11.37 10.62 -35.09
CA THR B 252 12.27 11.64 -35.61
C THR B 252 12.73 11.42 -37.04
N LYS B 253 13.02 10.17 -37.37
CA LYS B 253 13.48 9.82 -38.70
C LYS B 253 12.37 9.54 -39.69
N GLY B 254 11.12 9.74 -39.30
CA GLY B 254 10.00 9.48 -40.20
C GLY B 254 9.71 7.99 -40.43
N GLN B 255 10.53 7.11 -39.85
CA GLN B 255 10.34 5.66 -40.01
C GLN B 255 9.01 5.21 -39.36
N THR B 256 7.94 5.59 -40.03
CA THR B 256 6.62 5.32 -39.61
C THR B 256 6.29 3.87 -39.37
N GLU B 257 6.66 2.98 -40.28
CA GLU B 257 6.30 1.59 -40.01
C GLU B 257 7.07 1.00 -38.84
N GLN B 258 8.36 1.32 -38.72
CA GLN B 258 9.19 0.78 -37.63
C GLN B 258 8.64 1.30 -36.31
N HIS B 259 8.26 2.57 -36.30
CA HIS B 259 7.69 3.18 -35.12
C HIS B 259 6.44 2.39 -34.73
N ASN B 260 5.57 2.14 -35.69
CA ASN B 260 4.35 1.39 -35.40
C ASN B 260 4.60 -0.07 -35.04
N GLU B 261 5.62 -0.70 -35.64
CA GLU B 261 5.90 -2.11 -35.31
C GLU B 261 6.39 -2.22 -33.84
N ILE B 262 7.14 -1.24 -33.37
CA ILE B 262 7.59 -1.28 -31.98
C ILE B 262 6.38 -1.18 -31.07
N LEU B 263 5.47 -0.23 -31.34
CA LEU B 263 4.30 -0.12 -30.51
C LEU B 263 3.48 -1.38 -30.55
N ARG B 264 3.31 -1.96 -31.73
CA ARG B 264 2.49 -3.15 -31.85
C ARG B 264 3.04 -4.30 -30.99
N ILE B 265 4.34 -4.49 -31.01
CA ILE B 265 4.89 -5.58 -30.22
C ILE B 265 4.73 -5.31 -28.72
N LEU B 266 4.97 -4.09 -28.28
CA LEU B 266 4.77 -3.79 -26.86
C LEU B 266 3.30 -4.03 -26.42
N LEU B 267 2.37 -3.60 -27.26
CA LEU B 267 0.95 -3.76 -27.00
C LEU B 267 0.46 -5.22 -27.00
N LEU B 268 1.19 -6.13 -27.63
CA LEU B 268 0.79 -7.53 -27.62
C LEU B 268 0.94 -8.22 -26.25
N ARG B 269 1.70 -7.63 -25.32
CA ARG B 269 2.00 -8.29 -24.05
C ARG B 269 2.44 -9.72 -24.36
N THR B 270 3.36 -9.89 -25.30
CA THR B 270 3.74 -11.24 -25.68
C THR B 270 4.89 -11.93 -24.91
N SER B 271 4.75 -13.25 -24.85
CA SER B 271 5.73 -14.15 -24.25
C SER B 271 6.44 -14.91 -25.36
N ASP B 272 6.04 -14.71 -26.61
CA ASP B 272 6.64 -15.41 -27.74
C ASP B 272 8.08 -14.97 -28.01
N LYS B 273 9.03 -15.88 -27.80
CA LYS B 273 10.45 -15.60 -28.00
C LYS B 273 10.73 -14.94 -29.35
N ASP B 274 10.16 -15.52 -30.40
CA ASP B 274 10.37 -15.02 -31.74
C ASP B 274 9.94 -13.59 -31.97
N ILE B 275 8.82 -13.20 -31.37
CA ILE B 275 8.32 -11.84 -31.53
C ILE B 275 9.17 -10.90 -30.66
N LYS B 276 9.63 -11.39 -29.51
CA LYS B 276 10.47 -10.53 -28.69
C LYS B 276 11.80 -10.26 -29.41
N LEU B 277 12.32 -11.26 -30.12
CA LEU B 277 13.57 -11.07 -30.89
C LEU B 277 13.37 -10.08 -32.03
N LYS B 278 12.16 -10.06 -32.58
CA LYS B 278 11.87 -9.16 -33.68
C LYS B 278 12.01 -7.72 -33.19
N LEU B 279 11.54 -7.50 -31.95
CA LEU B 279 11.66 -6.17 -31.34
C LEU B 279 13.17 -5.86 -31.14
N ILE B 280 13.92 -6.82 -30.61
CA ILE B 280 15.32 -6.55 -30.42
C ILE B 280 16.06 -6.35 -31.75
N GLN B 281 15.63 -6.97 -32.83
CA GLN B 281 16.36 -6.68 -34.04
C GLN B 281 16.08 -5.26 -34.57
N ILE B 282 14.93 -4.70 -34.26
CA ILE B 282 14.63 -3.32 -34.68
C ILE B 282 15.56 -2.41 -33.89
N LEU B 283 15.68 -2.67 -32.59
CA LEU B 283 16.57 -1.90 -31.71
C LEU B 283 18.06 -2.02 -32.14
N GLU B 284 18.51 -3.22 -32.48
CA GLU B 284 19.90 -3.43 -32.85
C GLU B 284 20.23 -3.03 -34.29
N PHE B 285 19.35 -3.27 -35.26
CA PHE B 285 19.65 -2.91 -36.65
C PHE B 285 19.10 -1.62 -37.21
N ASP B 286 17.98 -1.13 -36.66
CA ASP B 286 17.35 0.09 -37.17
C ASP B 286 17.58 1.35 -36.33
N THR B 287 17.54 1.23 -35.01
CA THR B 287 17.71 2.44 -34.21
C THR B 287 19.00 2.42 -33.42
N ASN B 288 19.68 1.28 -33.38
CA ASN B 288 20.92 1.13 -32.64
C ASN B 288 20.73 1.58 -31.18
N SER B 289 19.58 1.25 -30.60
CA SER B 289 19.27 1.67 -29.24
C SER B 289 20.03 0.97 -28.13
N LEU B 290 20.44 -0.29 -28.36
CA LEU B 290 21.17 -1.01 -27.33
C LEU B 290 22.58 -0.40 -27.21
N ALA B 291 23.17 -0.05 -28.34
CA ALA B 291 24.48 0.57 -28.34
C ALA B 291 24.39 1.97 -27.75
N TYR B 292 23.39 2.71 -28.19
CA TYR B 292 23.20 4.05 -27.71
C TYR B 292 23.07 4.01 -26.16
N THR B 293 22.39 2.99 -25.62
CA THR B 293 22.19 2.90 -24.17
C THR B 293 23.48 2.59 -23.46
N LYS B 294 24.22 1.62 -24.00
CA LYS B 294 25.50 1.21 -23.43
C LYS B 294 26.40 2.43 -23.31
N ASN B 295 26.39 3.23 -24.39
CA ASN B 295 27.21 4.43 -24.42
C ASN B 295 26.72 5.44 -23.37
N PHE B 296 25.41 5.54 -23.21
CA PHE B 296 24.85 6.49 -22.25
C PHE B 296 25.23 6.14 -20.83
N ILE B 297 25.16 4.86 -20.50
CA ILE B 297 25.54 4.41 -19.15
C ILE B 297 27.04 4.72 -18.93
N ASN B 298 27.87 4.35 -19.89
CA ASN B 298 29.32 4.60 -19.76
C ASN B 298 29.58 6.10 -19.52
N GLN B 299 28.85 6.97 -20.21
CA GLN B 299 29.06 8.39 -19.97
C GLN B 299 28.68 8.79 -18.53
N LEU B 300 27.60 8.19 -17.98
CA LEU B 300 27.23 8.54 -16.59
C LEU B 300 28.31 8.07 -15.63
N VAL B 301 28.77 6.84 -15.84
CA VAL B 301 29.80 6.24 -14.98
C VAL B 301 31.11 7.05 -15.02
N ASN B 302 31.48 7.55 -16.20
CA ASN B 302 32.70 8.33 -16.33
C ASN B 302 32.63 9.63 -15.57
N MET B 303 31.43 10.20 -15.42
CA MET B 303 31.32 11.47 -14.69
C MET B 303 31.93 11.22 -13.30
N ILE B 304 31.82 10.00 -12.83
CA ILE B 304 32.35 9.67 -11.51
C ILE B 304 33.79 9.24 -11.61
N LYS B 305 34.10 8.50 -12.65
CA LYS B 305 35.46 8.03 -12.88
C LYS B 305 36.44 9.20 -13.08
N ASN B 306 36.02 10.24 -13.77
CA ASN B 306 36.87 11.40 -14.02
C ASN B 306 36.62 12.55 -13.05
N ASP B 307 35.99 12.25 -11.91
CA ASP B 307 35.72 13.26 -10.88
C ASP B 307 36.97 13.34 -10.00
N ASN B 308 37.98 14.01 -10.52
CA ASN B 308 39.26 14.17 -9.84
C ASN B 308 39.17 15.25 -8.77
N GLU B 309 38.30 16.22 -8.97
CA GLU B 309 38.12 17.29 -8.02
C GLU B 309 37.25 16.81 -6.87
N ASN B 310 36.59 15.67 -7.04
CA ASN B 310 35.71 15.14 -6.00
C ASN B 310 34.50 16.08 -5.84
N LYS B 311 33.83 16.38 -6.96
CA LYS B 311 32.66 17.26 -6.93
C LYS B 311 31.44 16.42 -6.55
N TYR B 312 31.48 15.15 -6.95
CA TYR B 312 30.39 14.21 -6.70
C TYR B 312 30.76 13.26 -5.59
N LEU B 313 31.92 12.65 -5.73
CA LEU B 313 32.42 11.73 -4.73
C LEU B 313 32.67 12.55 -3.47
N PRO B 314 32.97 11.88 -2.36
CA PRO B 314 33.21 12.66 -1.15
C PRO B 314 34.67 13.11 -1.12
N GLU B 329 36.45 1.88 -4.35
CA GLU B 329 35.40 0.99 -3.75
C GLU B 329 34.04 1.32 -4.32
N LEU B 330 33.71 2.61 -4.35
CA LEU B 330 32.45 3.03 -4.95
C LEU B 330 32.40 2.61 -6.40
N LEU B 331 33.55 2.62 -7.06
CA LEU B 331 33.61 2.20 -8.46
C LEU B 331 33.35 0.71 -8.56
N TYR B 332 33.84 -0.08 -7.60
CA TYR B 332 33.58 -1.51 -7.67
C TYR B 332 32.05 -1.70 -7.52
N ILE B 333 31.44 -0.99 -6.56
CA ILE B 333 30.00 -1.07 -6.33
C ILE B 333 29.22 -0.68 -7.57
N ILE B 334 29.66 0.38 -8.25
CA ILE B 334 28.99 0.81 -9.46
C ILE B 334 28.93 -0.26 -10.57
N ASP B 335 29.98 -1.06 -10.69
CA ASP B 335 30.04 -2.10 -11.72
C ASP B 335 29.38 -3.37 -11.24
N HIS B 336 28.79 -3.29 -10.07
CA HIS B 336 28.10 -4.41 -9.47
C HIS B 336 26.74 -3.88 -8.99
N LEU B 337 26.47 -2.63 -9.37
CA LEU B 337 25.26 -1.91 -9.02
C LEU B 337 24.05 -2.76 -9.37
N SER B 338 24.22 -3.59 -10.39
CA SER B 338 23.16 -4.47 -10.85
C SER B 338 22.71 -5.58 -9.92
N GLU B 339 23.06 -5.50 -8.65
CA GLU B 339 22.55 -6.50 -7.73
C GLU B 339 22.16 -5.85 -6.42
N LEU B 340 21.89 -4.54 -6.50
CA LEU B 340 21.49 -3.78 -5.33
C LEU B 340 20.12 -4.22 -4.81
#